data_1TW6
#
_entry.id   1TW6
#
_cell.length_a   87.856
_cell.length_b   87.856
_cell.length_c   74.634
_cell.angle_alpha   90.00
_cell.angle_beta   90.00
_cell.angle_gamma   90.00
#
_symmetry.space_group_name_H-M   'P 41 21 2'
#
loop_
_entity.id
_entity.type
_entity.pdbx_description
1 polymer 'Baculoviral IAP repeat-containing protein 7'
2 polymer 'Diablo homolog, mitochondrial'
3 non-polymer 'ZINC ION'
4 non-polymer 'LITHIUM ION'
5 non-polymer 2-[BIS-(2-HYDROXY-ETHYL)-AMINO]-2-HYDROXYMETHYL-PROPANE-1,3-DIOL
6 non-polymer 1,2-ETHANEDIOL
7 water water
#
loop_
_entity_poly.entity_id
_entity_poly.type
_entity_poly.pdbx_seq_one_letter_code
_entity_poly.pdbx_strand_id
1 'polypeptide(L)'
;MGSSHHHHHHSSGLVPRGSHMLETEEEEEEGAGATLSRGPAFPGMGSEELRLASFYDWPLTAEVPPELLAAAGFFHTGHQ
DKVRCFFCYGGLQSWKRGDDPWTEHAKWFPGCQFLLRSKGQEYINNIHLTHSL
;
A,B
2 'polypeptide(L)' AVPIAQKSE C,D
#
loop_
_chem_comp.id
_chem_comp.type
_chem_comp.name
_chem_comp.formula
BTB non-polymer 2-[BIS-(2-HYDROXY-ETHYL)-AMINO]-2-HYDROXYMETHYL-PROPANE-1,3-DIOL 'C8 H19 N O5'
EDO non-polymer 1,2-ETHANEDIOL 'C2 H6 O2'
LI non-polymer 'LITHIUM ION' 'Li 1'
ZN non-polymer 'ZINC ION' 'Zn 2'
#
# COMPACT_ATOMS: atom_id res chain seq x y z
N GLY A 39 4.09 -25.71 -0.38
CA GLY A 39 3.27 -24.46 -0.34
C GLY A 39 4.13 -23.22 -0.25
N PRO A 40 3.49 -22.06 -0.29
CA PRO A 40 4.24 -20.79 -0.23
C PRO A 40 4.92 -20.56 1.12
N ALA A 41 6.08 -19.91 1.08
CA ALA A 41 6.81 -19.52 2.29
C ALA A 41 5.98 -18.55 3.13
N PHE A 42 5.23 -17.67 2.46
CA PHE A 42 4.50 -16.58 3.11
C PHE A 42 3.10 -16.52 2.47
N PRO A 43 2.20 -17.41 2.88
CA PRO A 43 0.87 -17.49 2.27
C PRO A 43 0.08 -16.17 2.30
N GLY A 44 0.32 -15.36 3.33
CA GLY A 44 -0.35 -14.09 3.52
C GLY A 44 -0.16 -13.07 2.39
N MET A 45 0.90 -13.22 1.61
CA MET A 45 1.14 -12.33 0.48
C MET A 45 0.89 -13.03 -0.85
N GLY A 46 0.07 -14.06 -0.83
CA GLY A 46 -0.31 -14.78 -2.05
C GLY A 46 -1.25 -14.02 -2.97
N SER A 47 -1.90 -12.98 -2.45
CA SER A 47 -2.82 -12.16 -3.23
C SER A 47 -2.07 -11.04 -3.93
N GLU A 48 -2.22 -10.97 -5.26
CA GLU A 48 -1.55 -9.93 -6.05
C GLU A 48 -1.97 -8.52 -5.60
N GLU A 49 -3.24 -8.35 -5.25
CA GLU A 49 -3.75 -7.06 -4.79
C GLU A 49 -3.07 -6.63 -3.48
N LEU A 50 -2.90 -7.55 -2.53
CA LEU A 50 -2.16 -7.22 -1.31
C LEU A 50 -0.72 -6.88 -1.59
N ARG A 51 -0.08 -7.61 -2.50
CA ARG A 51 1.29 -7.29 -2.90
C ARG A 51 1.37 -5.90 -3.51
N LEU A 52 0.42 -5.55 -4.37
CA LEU A 52 0.43 -4.22 -4.99
C LEU A 52 0.27 -3.11 -3.94
N ALA A 53 -0.59 -3.35 -2.96
CA ALA A 53 -0.83 -2.35 -1.92
C ALA A 53 0.43 -2.06 -1.12
N SER A 54 1.31 -3.05 -1.00
CA SER A 54 2.54 -2.92 -0.23
C SER A 54 3.52 -1.90 -0.83
N PHE A 55 3.36 -1.60 -2.12
CA PHE A 55 4.23 -0.65 -2.83
C PHE A 55 3.79 0.82 -2.73
N TYR A 56 2.96 1.16 -1.75
CA TYR A 56 2.45 2.52 -1.66
C TYR A 56 3.54 3.60 -1.54
N ASP A 57 4.68 3.25 -0.93
CA ASP A 57 5.80 4.17 -0.78
C ASP A 57 7.06 3.70 -1.55
N TRP A 58 6.83 2.98 -2.65
CA TRP A 58 7.92 2.50 -3.50
C TRP A 58 8.67 3.69 -4.09
N PRO A 59 10.00 3.70 -3.95
CA PRO A 59 10.82 4.84 -4.41
C PRO A 59 11.17 4.87 -5.92
N LEU A 60 10.76 3.86 -6.68
CA LEU A 60 11.19 3.73 -8.07
C LEU A 60 10.00 3.49 -9.02
N THR A 61 8.91 4.22 -8.87
CA THR A 61 7.71 3.91 -9.66
C THR A 61 7.93 4.04 -11.17
N ALA A 62 8.63 5.09 -11.59
CA ALA A 62 8.91 5.31 -13.01
C ALA A 62 9.88 4.27 -13.58
N GLU A 63 10.79 3.80 -12.74
CA GLU A 63 11.92 2.96 -13.16
C GLU A 63 11.56 1.47 -13.23
N VAL A 64 10.86 0.99 -12.21
CA VAL A 64 10.37 -0.40 -12.14
C VAL A 64 8.96 -0.38 -11.57
N PRO A 65 7.94 -0.51 -12.44
CA PRO A 65 6.55 -0.39 -12.01
C PRO A 65 6.13 -1.37 -10.92
N PRO A 66 5.52 -0.88 -9.83
CA PRO A 66 4.94 -1.76 -8.81
C PRO A 66 3.97 -2.80 -9.37
N GLU A 67 3.21 -2.45 -10.40
CA GLU A 67 2.26 -3.37 -11.02
C GLU A 67 2.98 -4.62 -11.52
N LEU A 68 4.16 -4.43 -12.11
CA LEU A 68 4.95 -5.56 -12.61
C LEU A 68 5.59 -6.36 -11.48
N LEU A 69 6.10 -5.67 -10.47
CA LEU A 69 6.69 -6.33 -9.32
C LEU A 69 5.67 -7.22 -8.61
N ALA A 70 4.47 -6.68 -8.36
CA ALA A 70 3.41 -7.43 -7.68
C ALA A 70 2.95 -8.62 -8.51
N ALA A 71 2.82 -8.41 -9.82
CA ALA A 71 2.44 -9.51 -10.73
C ALA A 71 3.45 -10.65 -10.70
N ALA A 72 4.72 -10.32 -10.51
CA ALA A 72 5.82 -11.30 -10.49
C ALA A 72 6.05 -11.96 -9.12
N GLY A 73 5.14 -11.73 -8.17
CA GLY A 73 5.17 -12.40 -6.89
C GLY A 73 5.80 -11.61 -5.75
N PHE A 74 6.28 -10.41 -6.04
CA PHE A 74 7.03 -9.60 -5.07
C PHE A 74 6.15 -8.62 -4.29
N PHE A 75 6.47 -8.45 -3.00
CA PHE A 75 5.95 -7.35 -2.20
C PHE A 75 7.11 -6.48 -1.74
N HIS A 76 6.82 -5.22 -1.43
CA HIS A 76 7.83 -4.30 -0.92
C HIS A 76 8.03 -4.53 0.58
N THR A 77 9.27 -4.73 1.02
CA THR A 77 9.54 -4.88 2.45
C THR A 77 9.34 -3.58 3.23
N GLY A 78 9.39 -2.45 2.53
CA GLY A 78 9.31 -1.14 3.17
C GLY A 78 10.67 -0.52 3.44
N HIS A 79 11.74 -1.28 3.21
CA HIS A 79 13.11 -0.81 3.42
C HIS A 79 13.78 -0.60 2.07
N GLN A 80 14.16 0.64 1.79
CA GLN A 80 14.82 0.99 0.54
C GLN A 80 14.01 0.42 -0.64
N ASP A 81 14.68 -0.28 -1.58
CA ASP A 81 14.00 -0.91 -2.70
C ASP A 81 14.01 -2.43 -2.60
N LYS A 82 14.09 -2.93 -1.37
CA LYS A 82 14.12 -4.37 -1.13
C LYS A 82 12.72 -4.95 -1.28
N VAL A 83 12.60 -5.97 -2.11
CA VAL A 83 11.35 -6.70 -2.32
C VAL A 83 11.58 -8.19 -2.06
N ARG A 84 10.50 -8.94 -1.86
CA ARG A 84 10.59 -10.37 -1.58
C ARG A 84 9.43 -11.12 -2.23
N CYS A 85 9.71 -12.32 -2.73
CA CYS A 85 8.66 -13.17 -3.30
C CYS A 85 7.91 -13.88 -2.18
N PHE A 86 6.58 -13.87 -2.25
CA PHE A 86 5.77 -14.52 -1.23
C PHE A 86 5.95 -16.04 -1.22
N PHE A 87 6.29 -16.62 -2.37
CA PHE A 87 6.36 -18.07 -2.50
C PHE A 87 7.71 -18.67 -2.11
N CYS A 88 8.79 -18.20 -2.73
CA CYS A 88 10.14 -18.71 -2.46
C CYS A 88 10.88 -17.92 -1.38
N TYR A 89 10.33 -16.76 -0.99
CA TYR A 89 10.94 -15.86 0.00
C TYR A 89 12.29 -15.27 -0.46
N GLY A 90 12.54 -15.30 -1.76
CA GLY A 90 13.77 -14.75 -2.31
C GLY A 90 13.68 -13.23 -2.32
N GLY A 91 14.73 -12.57 -1.88
CA GLY A 91 14.76 -11.11 -1.77
C GLY A 91 15.67 -10.49 -2.81
N LEU A 92 15.23 -9.38 -3.39
CA LEU A 92 16.00 -8.64 -4.38
C LEU A 92 16.05 -7.16 -4.03
N GLN A 93 17.20 -6.53 -4.28
CA GLN A 93 17.41 -5.12 -4.07
C GLN A 93 18.23 -4.50 -5.20
N SER A 94 18.52 -3.21 -5.09
CA SER A 94 19.36 -2.51 -6.08
C SER A 94 18.80 -2.64 -7.49
N TRP A 95 17.51 -2.33 -7.61
CA TRP A 95 16.82 -2.35 -8.90
C TRP A 95 17.34 -1.22 -9.80
N LYS A 96 17.55 -1.57 -11.07
CA LYS A 96 18.05 -0.61 -12.06
C LYS A 96 16.95 -0.30 -13.07
N ARG A 97 17.04 0.87 -13.69
CA ARG A 97 16.14 1.28 -14.76
C ARG A 97 16.02 0.19 -15.80
N GLY A 98 14.79 -0.20 -16.13
CA GLY A 98 14.56 -1.18 -17.18
C GLY A 98 14.66 -2.64 -16.74
N ASP A 99 14.98 -2.89 -15.48
CA ASP A 99 14.91 -4.25 -14.93
C ASP A 99 13.49 -4.76 -15.08
N ASP A 100 13.37 -6.04 -15.41
CA ASP A 100 12.08 -6.69 -15.55
C ASP A 100 11.92 -7.68 -14.41
N PRO A 101 10.93 -7.47 -13.54
CA PRO A 101 10.71 -8.33 -12.38
C PRO A 101 10.64 -9.85 -12.67
N TRP A 102 9.91 -10.28 -13.70
CA TRP A 102 9.86 -11.71 -14.01
C TRP A 102 11.23 -12.25 -14.41
N THR A 103 11.97 -11.48 -15.21
CA THR A 103 13.31 -11.86 -15.64
C THR A 103 14.25 -12.03 -14.44
N GLU A 104 14.21 -11.07 -13.51
CA GLU A 104 15.06 -11.12 -12.33
C GLU A 104 14.66 -12.29 -11.42
N HIS A 105 13.36 -12.56 -11.32
CA HIS A 105 12.83 -13.71 -10.56
C HIS A 105 13.44 -15.01 -11.08
N ALA A 106 13.44 -15.17 -12.40
CA ALA A 106 13.96 -16.38 -13.04
C ALA A 106 15.49 -16.46 -12.99
N LYS A 107 16.15 -15.33 -13.11
CA LYS A 107 17.61 -15.27 -13.05
C LYS A 107 18.13 -15.75 -11.69
N TRP A 108 17.54 -15.25 -10.62
CA TRP A 108 18.07 -15.45 -9.27
C TRP A 108 17.43 -16.61 -8.51
N PHE A 109 16.15 -16.87 -8.77
CA PHE A 109 15.40 -17.93 -8.08
C PHE A 109 14.67 -18.85 -9.07
N PRO A 110 15.42 -19.52 -9.94
CA PRO A 110 14.83 -20.35 -10.99
C PRO A 110 14.02 -21.57 -10.50
N GLY A 111 14.20 -21.97 -9.23
CA GLY A 111 13.47 -23.09 -8.66
C GLY A 111 12.15 -22.74 -7.99
N CYS A 112 11.77 -21.46 -8.04
CA CYS A 112 10.52 -21.01 -7.41
C CYS A 112 9.33 -21.63 -8.12
N GLN A 113 8.42 -22.23 -7.35
CA GLN A 113 7.29 -22.93 -7.96
C GLN A 113 6.20 -21.96 -8.42
N PHE A 114 6.12 -20.77 -7.82
CA PHE A 114 5.19 -19.74 -8.31
C PHE A 114 5.63 -19.23 -9.68
N LEU A 115 6.92 -18.96 -9.83
CA LEU A 115 7.52 -18.62 -11.11
C LEU A 115 7.22 -19.69 -12.16
N LEU A 116 7.43 -20.96 -11.82
CA LEU A 116 7.20 -22.05 -12.75
C LEU A 116 5.74 -22.15 -13.17
N ARG A 117 4.82 -22.10 -12.21
CA ARG A 117 3.40 -22.21 -12.51
C ARG A 117 2.92 -21.05 -13.38
N SER A 118 3.46 -19.85 -13.12
CA SER A 118 3.04 -18.63 -13.81
C SER A 118 3.60 -18.52 -15.22
N LYS A 119 4.90 -18.79 -15.36
CA LYS A 119 5.65 -18.49 -16.57
C LYS A 119 6.10 -19.71 -17.40
N GLY A 120 6.15 -20.89 -16.77
CA GLY A 120 6.53 -22.11 -17.46
C GLY A 120 8.03 -22.33 -17.53
N GLN A 121 8.41 -23.57 -17.82
CA GLN A 121 9.82 -23.97 -17.80
C GLN A 121 10.61 -23.40 -18.97
N GLU A 122 9.97 -23.26 -20.12
CA GLU A 122 10.64 -22.73 -21.32
C GLU A 122 11.18 -21.33 -21.05
N TYR A 123 10.36 -20.52 -20.40
CA TYR A 123 10.72 -19.14 -20.05
C TYR A 123 11.94 -19.09 -19.15
N ILE A 124 11.94 -19.92 -18.11
CA ILE A 124 13.06 -19.99 -17.17
C ILE A 124 14.36 -20.46 -17.87
N ASN A 125 14.26 -21.52 -18.65
CA ASN A 125 15.42 -22.07 -19.37
C ASN A 125 16.05 -21.07 -20.33
N ASN A 126 15.22 -20.25 -20.96
CA ASN A 126 15.68 -19.27 -21.93
C ASN A 126 16.47 -18.13 -21.28
N ILE A 127 16.10 -17.76 -20.06
CA ILE A 127 16.84 -16.75 -19.31
C ILE A 127 18.21 -17.28 -18.89
N HIS A 128 18.28 -18.59 -18.59
CA HIS A 128 19.55 -19.25 -18.31
C HIS A 128 20.13 -19.84 -19.58
N GLY B 39 1.55 17.92 -5.08
CA GLY B 39 0.78 16.80 -5.73
C GLY B 39 0.29 15.76 -4.74
N PRO B 40 -0.40 14.73 -5.22
CA PRO B 40 -0.84 13.64 -4.34
C PRO B 40 0.34 12.98 -3.64
N ALA B 41 0.21 12.73 -2.34
CA ALA B 41 1.30 12.16 -1.54
C ALA B 41 1.61 10.73 -1.95
N PHE B 42 0.55 9.94 -2.18
CA PHE B 42 0.62 8.53 -2.49
C PHE B 42 -0.31 8.25 -3.67
N PRO B 43 0.09 8.66 -4.87
CA PRO B 43 -0.80 8.57 -6.03
C PRO B 43 -1.28 7.16 -6.34
N GLY B 44 -0.48 6.15 -6.05
CA GLY B 44 -0.88 4.76 -6.21
C GLY B 44 -2.08 4.35 -5.36
N MET B 45 -2.29 5.05 -4.25
CA MET B 45 -3.42 4.79 -3.36
C MET B 45 -4.66 5.63 -3.69
N GLY B 46 -4.73 6.21 -4.89
CA GLY B 46 -5.93 6.87 -5.36
C GLY B 46 -7.07 5.90 -5.63
N SER B 47 -6.74 4.62 -5.76
CA SER B 47 -7.74 3.57 -5.93
C SER B 47 -8.33 3.18 -4.57
N GLU B 48 -9.65 3.32 -4.41
CA GLU B 48 -10.31 2.92 -3.15
C GLU B 48 -10.15 1.43 -2.88
N GLU B 49 -10.18 0.60 -3.93
CA GLU B 49 -9.98 -0.84 -3.79
C GLU B 49 -8.61 -1.16 -3.19
N LEU B 50 -7.57 -0.48 -3.65
CA LEU B 50 -6.23 -0.67 -3.12
C LEU B 50 -6.10 -0.15 -1.68
N ARG B 51 -6.74 0.98 -1.37
CA ARG B 51 -6.77 1.49 -0.01
C ARG B 51 -7.43 0.45 0.90
N LEU B 52 -8.51 -0.16 0.44
CA LEU B 52 -9.19 -1.17 1.24
C LEU B 52 -8.28 -2.39 1.46
N ALA B 53 -7.55 -2.80 0.42
CA ALA B 53 -6.63 -3.94 0.50
C ALA B 53 -5.55 -3.74 1.57
N SER B 54 -5.12 -2.50 1.76
CA SER B 54 -4.05 -2.18 2.72
C SER B 54 -4.41 -2.52 4.17
N PHE B 55 -5.72 -2.64 4.44
CA PHE B 55 -6.27 -2.99 5.75
C PHE B 55 -6.33 -4.50 6.03
N TYR B 56 -5.68 -5.33 5.21
CA TYR B 56 -5.63 -6.77 5.47
C TYR B 56 -5.10 -7.08 6.87
N ASP B 57 -4.23 -6.22 7.38
CA ASP B 57 -3.58 -6.42 8.69
C ASP B 57 -3.95 -5.32 9.71
N TRP B 58 -5.15 -4.77 9.54
CA TRP B 58 -5.75 -3.85 10.50
C TRP B 58 -5.82 -4.53 11.86
N PRO B 59 -5.44 -3.85 12.94
CA PRO B 59 -5.41 -4.51 14.24
C PRO B 59 -6.77 -5.03 14.67
N LEU B 60 -6.77 -6.21 15.31
CA LEU B 60 -8.00 -6.82 15.81
C LEU B 60 -8.57 -6.05 17.01
N THR B 61 -7.78 -5.14 17.59
CA THR B 61 -8.22 -4.28 18.68
C THR B 61 -8.87 -2.97 18.17
N ALA B 62 -8.82 -2.71 16.88
CA ALA B 62 -9.28 -1.44 16.31
C ALA B 62 -10.79 -1.25 16.46
N GLU B 63 -11.23 0.00 16.38
CA GLU B 63 -12.60 0.38 16.74
C GLU B 63 -13.38 1.07 15.62
N VAL B 64 -12.73 1.25 14.47
CA VAL B 64 -13.35 1.87 13.28
C VAL B 64 -13.06 0.98 12.07
N PRO B 65 -14.07 0.67 11.26
CA PRO B 65 -13.91 -0.31 10.18
C PRO B 65 -13.12 0.17 8.96
N PRO B 66 -12.27 -0.69 8.41
CA PRO B 66 -11.57 -0.40 7.14
C PRO B 66 -12.45 0.16 6.03
N GLU B 67 -13.65 -0.37 5.84
CA GLU B 67 -14.52 0.05 4.72
C GLU B 67 -14.79 1.55 4.75
N LEU B 68 -15.08 2.09 5.93
CA LEU B 68 -15.32 3.52 6.10
C LEU B 68 -14.05 4.36 5.96
N LEU B 69 -12.93 3.86 6.48
CA LEU B 69 -11.65 4.59 6.39
C LEU B 69 -11.22 4.73 4.94
N ALA B 70 -11.27 3.65 4.18
CA ALA B 70 -10.86 3.67 2.79
C ALA B 70 -11.72 4.63 1.98
N ALA B 71 -13.02 4.68 2.27
CA ALA B 71 -13.95 5.55 1.54
C ALA B 71 -13.64 7.04 1.75
N ALA B 72 -13.03 7.37 2.87
CA ALA B 72 -12.64 8.74 3.19
C ALA B 72 -11.20 9.12 2.78
N GLY B 73 -10.58 8.31 1.90
CA GLY B 73 -9.26 8.60 1.37
C GLY B 73 -8.09 8.00 2.12
N PHE B 74 -8.35 7.28 3.21
CA PHE B 74 -7.29 6.76 4.08
C PHE B 74 -6.87 5.34 3.70
N PHE B 75 -5.59 5.06 3.83
CA PHE B 75 -5.07 3.70 3.73
C PHE B 75 -4.18 3.42 4.93
N HIS B 76 -4.04 2.14 5.26
CA HIS B 76 -3.27 1.67 6.41
C HIS B 76 -1.77 1.67 6.13
N THR B 77 -0.97 2.20 7.04
CA THR B 77 0.49 2.22 6.86
C THR B 77 1.16 0.89 7.18
N GLY B 78 0.43 -0.03 7.82
CA GLY B 78 0.98 -1.32 8.22
C GLY B 78 1.47 -1.34 9.67
N HIS B 79 1.28 -0.24 10.39
CA HIS B 79 1.70 -0.14 11.79
C HIS B 79 0.54 0.32 12.68
N GLN B 80 0.23 -0.48 13.69
CA GLN B 80 -0.88 -0.21 14.61
C GLN B 80 -2.14 0.16 13.81
N ASP B 81 -2.93 1.14 14.29
CA ASP B 81 -4.12 1.57 13.55
C ASP B 81 -3.89 2.91 12.84
N LYS B 82 -2.65 3.09 12.38
CA LYS B 82 -2.24 4.32 11.72
C LYS B 82 -2.64 4.32 10.26
N VAL B 83 -3.24 5.42 9.81
CA VAL B 83 -3.63 5.57 8.42
C VAL B 83 -3.16 6.93 7.91
N ARG B 84 -2.99 7.03 6.60
CA ARG B 84 -2.73 8.31 5.94
C ARG B 84 -3.68 8.53 4.77
N CYS B 85 -3.98 9.79 4.50
CA CYS B 85 -4.71 10.15 3.28
C CYS B 85 -3.77 10.06 2.08
N PHE B 86 -4.23 9.40 1.02
CA PHE B 86 -3.44 9.25 -0.18
C PHE B 86 -3.11 10.58 -0.82
N PHE B 87 -3.95 11.59 -0.61
CA PHE B 87 -3.74 12.88 -1.26
C PHE B 87 -2.91 13.86 -0.42
N CYS B 88 -3.34 14.15 0.79
CA CYS B 88 -2.73 15.23 1.59
C CYS B 88 -1.65 14.75 2.55
N TYR B 89 -1.46 13.44 2.65
CA TYR B 89 -0.48 12.81 3.54
C TYR B 89 -0.95 12.70 5.00
N GLY B 90 -1.97 13.45 5.38
CA GLY B 90 -2.38 13.56 6.77
C GLY B 90 -2.57 12.21 7.43
N GLY B 91 -1.91 12.01 8.57
CA GLY B 91 -1.96 10.73 9.28
C GLY B 91 -2.72 10.78 10.60
N LEU B 92 -3.48 9.72 10.87
CA LEU B 92 -4.26 9.62 12.10
C LEU B 92 -4.20 8.22 12.69
N GLN B 93 -4.26 8.14 14.01
CA GLN B 93 -4.23 6.88 14.74
C GLN B 93 -5.15 6.96 15.96
N SER B 94 -5.17 5.88 16.74
CA SER B 94 -5.99 5.80 17.96
C SER B 94 -7.43 6.17 17.64
N TRP B 95 -7.97 5.51 16.61
CA TRP B 95 -9.36 5.64 16.23
C TRP B 95 -10.24 5.07 17.34
N LYS B 96 -11.23 5.87 17.77
CA LYS B 96 -12.15 5.49 18.83
C LYS B 96 -13.51 5.11 18.26
N ARG B 97 -14.25 4.28 19.00
CA ARG B 97 -15.59 3.87 18.57
C ARG B 97 -16.45 5.12 18.36
N GLY B 98 -17.12 5.18 17.23
CA GLY B 98 -17.97 6.32 16.90
C GLY B 98 -17.28 7.39 16.07
N ASP B 99 -15.95 7.33 15.95
CA ASP B 99 -15.22 8.28 15.09
C ASP B 99 -15.70 8.09 13.66
N ASP B 100 -15.95 9.19 12.98
CA ASP B 100 -16.37 9.17 11.59
C ASP B 100 -15.18 9.61 10.74
N PRO B 101 -14.65 8.73 9.90
CA PRO B 101 -13.49 9.06 9.08
C PRO B 101 -13.54 10.39 8.32
N TRP B 102 -14.66 10.70 7.66
CA TRP B 102 -14.77 11.98 6.94
C TRP B 102 -14.67 13.16 7.90
N THR B 103 -15.34 13.06 9.04
CA THR B 103 -15.33 14.12 10.05
C THR B 103 -13.91 14.36 10.57
N GLU B 104 -13.18 13.28 10.86
CA GLU B 104 -11.80 13.42 11.35
C GLU B 104 -10.88 13.98 10.27
N HIS B 105 -11.10 13.58 9.02
CA HIS B 105 -10.35 14.13 7.87
C HIS B 105 -10.52 15.65 7.83
N ALA B 106 -11.74 16.14 8.03
CA ALA B 106 -12.01 17.57 7.99
C ALA B 106 -11.48 18.31 9.22
N LYS B 107 -11.60 17.69 10.39
CA LYS B 107 -11.10 18.27 11.63
C LYS B 107 -9.59 18.57 11.55
N TRP B 108 -8.83 17.58 11.09
CA TRP B 108 -7.37 17.64 11.20
C TRP B 108 -6.68 18.19 9.94
N PHE B 109 -7.28 17.95 8.78
CA PHE B 109 -6.68 18.31 7.49
C PHE B 109 -7.65 19.10 6.61
N PRO B 110 -8.12 20.24 7.10
CA PRO B 110 -9.13 21.02 6.37
C PRO B 110 -8.68 21.56 5.01
N GLY B 111 -7.37 21.59 4.74
CA GLY B 111 -6.86 22.07 3.48
C GLY B 111 -6.75 21.02 2.39
N CYS B 112 -7.09 19.78 2.70
CA CYS B 112 -6.96 18.67 1.76
C CYS B 112 -7.87 18.85 0.54
N GLN B 113 -7.29 18.75 -0.65
CA GLN B 113 -8.03 18.94 -1.89
C GLN B 113 -8.96 17.76 -2.22
N PHE B 114 -8.59 16.56 -1.79
CA PHE B 114 -9.48 15.40 -1.95
C PHE B 114 -10.74 15.54 -1.09
N LEU B 115 -10.54 15.99 0.15
CA LEU B 115 -11.64 16.30 1.05
C LEU B 115 -12.55 17.38 0.46
N LEU B 116 -11.96 18.43 -0.08
CA LEU B 116 -12.71 19.55 -0.65
C LEU B 116 -13.58 19.09 -1.82
N ARG B 117 -12.99 18.32 -2.72
CA ARG B 117 -13.70 17.82 -3.89
C ARG B 117 -14.80 16.84 -3.52
N SER B 118 -14.57 16.05 -2.47
CA SER B 118 -15.51 15.00 -2.07
C SER B 118 -16.70 15.54 -1.28
N LYS B 119 -16.46 16.53 -0.41
CA LYS B 119 -17.45 16.99 0.57
C LYS B 119 -17.86 18.45 0.43
N GLY B 120 -16.99 19.29 -0.11
CA GLY B 120 -17.27 20.70 -0.28
C GLY B 120 -16.86 21.54 0.91
N GLN B 121 -16.77 22.85 0.71
CA GLN B 121 -16.22 23.75 1.73
C GLN B 121 -17.18 23.93 2.90
N GLU B 122 -18.48 24.00 2.64
CA GLU B 122 -19.48 24.17 3.69
C GLU B 122 -19.39 23.05 4.74
N TYR B 123 -19.19 21.83 4.28
CA TYR B 123 -19.03 20.66 5.15
C TYR B 123 -17.84 20.84 6.10
N ILE B 124 -16.72 21.27 5.54
CA ILE B 124 -15.48 21.47 6.29
C ILE B 124 -15.67 22.58 7.32
N ASN B 125 -16.20 23.72 6.87
CA ASN B 125 -16.42 24.87 7.74
C ASN B 125 -17.35 24.54 8.89
N ASN B 126 -18.44 23.83 8.61
CA ASN B 126 -19.40 23.46 9.64
C ASN B 126 -18.79 22.62 10.76
N ILE B 127 -17.90 21.70 10.42
CA ILE B 127 -17.24 20.87 11.43
C ILE B 127 -16.36 21.75 12.33
N HIS B 128 -15.64 22.70 11.74
CA HIS B 128 -14.78 23.60 12.53
C HIS B 128 -15.59 24.58 13.37
N LEU B 129 -16.76 25.00 12.87
CA LEU B 129 -17.62 25.90 13.62
C LEU B 129 -18.31 25.19 14.79
N THR B 130 -18.75 23.96 14.57
CA THR B 130 -19.48 23.24 15.62
C THR B 130 -18.57 22.91 16.79
N HIS B 131 -17.32 22.58 16.49
CA HIS B 131 -16.35 22.20 17.52
C HIS B 131 -15.78 23.41 18.28
N SER B 132 -15.87 24.60 17.68
CA SER B 132 -15.39 25.84 18.33
C SER B 132 -16.48 26.61 19.09
N LEU B 133 -17.73 26.18 18.97
CA LEU B 133 -18.85 26.85 19.65
C LEU B 133 -19.06 26.28 21.05
N ALA C 1 18.82 -6.16 -10.86
CA ALA C 1 18.69 -6.33 -9.39
C ALA C 1 19.64 -7.44 -8.93
N VAL C 2 19.85 -7.50 -7.62
CA VAL C 2 20.73 -8.52 -7.02
C VAL C 2 20.10 -9.05 -5.74
N PRO C 3 20.45 -10.27 -5.32
CA PRO C 3 19.93 -10.80 -4.05
C PRO C 3 20.32 -9.94 -2.84
N ILE C 4 19.46 -9.89 -1.83
CA ILE C 4 19.70 -9.06 -0.64
C ILE C 4 20.89 -9.60 0.17
N ALA D 1 -9.96 10.48 16.68
CA ALA D 1 -8.56 10.09 16.31
C ALA D 1 -7.59 11.27 16.54
N VAL D 2 -6.30 10.97 16.53
CA VAL D 2 -5.25 11.96 16.78
C VAL D 2 -4.07 11.77 15.80
N PRO D 3 -3.24 12.80 15.62
CA PRO D 3 -2.12 12.69 14.67
C PRO D 3 -1.22 11.46 14.91
N ILE D 4 -0.77 10.88 13.81
CA ILE D 4 0.13 9.74 13.80
C ILE D 4 1.44 10.05 14.53
N ALA D 5 1.91 9.08 15.30
CA ALA D 5 3.14 9.19 16.09
C ALA D 5 3.86 7.85 16.13
N GLN D 6 5.13 7.85 15.72
CA GLN D 6 6.10 6.73 15.88
C GLN D 6 6.95 6.62 14.63
ZN ZN E . 9.67 -16.79 -6.02
ZN ZN F . -6.55 14.29 2.82
LI LI G . -2.28 -2.81 6.44
C1 BTB H . -9.09 22.34 17.75
O1 BTB H . -10.28 21.83 18.33
C2 BTB H . -8.35 21.27 16.96
C3 BTB H . -7.23 21.96 16.16
O3 BTB H . -6.58 21.09 15.25
C4 BTB H . -7.73 20.28 17.95
O4 BTB H . -6.87 20.91 18.89
N BTB H . -9.26 20.60 15.99
C5 BTB H . -9.91 21.46 14.98
C6 BTB H . -11.35 21.02 14.74
O6 BTB H . -12.16 21.28 15.88
C7 BTB H . -8.94 19.24 15.52
C8 BTB H . -9.63 18.18 16.40
O8 BTB H . -10.94 18.58 16.75
C1 EDO I . -0.05 -2.23 3.15
O1 EDO I . 1.01 -3.13 2.93
C2 EDO I . 0.01 -1.69 4.58
O2 EDO I . -0.70 -2.53 5.47
C1 EDO J . -3.63 20.81 5.35
O1 EDO J . -4.79 20.73 6.15
C2 EDO J . -3.85 20.02 4.10
O2 EDO J . -3.89 18.66 4.45
#